data_7VRM
#
_entry.id   7VRM
#
_cell.length_a   52.515
_cell.length_b   71.823
_cell.length_c   32.145
_cell.angle_alpha   90.00
_cell.angle_beta   90.00
_cell.angle_gamma   90.00
#
_symmetry.space_group_name_H-M   'P 21 21 2'
#
loop_
_entity.id
_entity.type
_entity.pdbx_description
1 polymer 'Bromodomain-containing protein 2'
2 non-polymer THEOPHYLLINE
3 water water
#
_entity_poly.entity_id   1
_entity_poly.type   'polypeptide(L)'
_entity_poly.pdbx_seq_one_letter_code
;GSHMQDPEQLKHCNGILKELLSKKHAAYAWPFYKPVDASALGLHDYHDIIKHPMDLSTVKRKMENRDYRDAQEFAADVRL
MFSNCYKYNPPDHDVVAMARKLQDVFEFRYAKMPD
;
_entity_poly.pdbx_strand_id   A
#
loop_
_chem_comp.id
_chem_comp.type
_chem_comp.name
_chem_comp.formula
TEP non-polymer THEOPHYLLINE 'C7 H8 N4 O2'
#
# COMPACT_ATOMS: atom_id res chain seq x y z
N GLY A 1 -6.53 -8.71 -20.98
CA GLY A 1 -7.93 -8.66 -21.45
C GLY A 1 -8.88 -8.65 -20.28
N SER A 2 -9.86 -7.76 -20.32
CA SER A 2 -10.84 -7.63 -19.21
C SER A 2 -11.67 -8.91 -19.06
N HIS A 3 -11.92 -9.30 -17.82
CA HIS A 3 -12.75 -10.49 -17.53
C HIS A 3 -14.00 -9.98 -16.83
N MET A 4 -15.11 -10.69 -16.98
CA MET A 4 -16.36 -10.26 -16.34
C MET A 4 -16.25 -10.19 -14.83
N GLN A 5 -15.30 -10.90 -14.22
CA GLN A 5 -15.12 -10.87 -12.77
C GLN A 5 -14.33 -9.66 -12.29
N ASP A 6 -13.72 -8.89 -13.18
CA ASP A 6 -12.84 -7.81 -12.73
C ASP A 6 -13.56 -6.76 -11.90
N PRO A 7 -14.77 -6.23 -12.28
CA PRO A 7 -15.43 -5.26 -11.40
C PRO A 7 -15.63 -5.77 -9.96
N GLU A 8 -16.11 -7.00 -9.80
CA GLU A 8 -16.40 -7.51 -8.42
C GLU A 8 -15.08 -7.73 -7.69
N GLN A 9 -14.05 -8.20 -8.40
CA GLN A 9 -12.74 -8.37 -7.72
C GLN A 9 -12.20 -6.99 -7.28
N LEU A 10 -12.39 -5.97 -8.12
CA LEU A 10 -11.94 -4.60 -7.74
C LEU A 10 -12.78 -4.07 -6.58
N LYS A 11 -14.06 -4.49 -6.45
CA LYS A 11 -14.82 -4.09 -5.27
C LYS A 11 -14.22 -4.70 -4.01
N HIS A 12 -13.79 -5.96 -4.09
CA HIS A 12 -13.11 -6.56 -2.94
C HIS A 12 -11.83 -5.80 -2.62
N CYS A 13 -11.06 -5.43 -3.66
CA CYS A 13 -9.88 -4.61 -3.45
C CYS A 13 -10.22 -3.29 -2.78
N ASN A 14 -11.29 -2.64 -3.24
CA ASN A 14 -11.70 -1.37 -2.62
C ASN A 14 -12.07 -1.57 -1.17
N GLY A 15 -12.72 -2.70 -0.85
CA GLY A 15 -13.04 -2.99 0.54
C GLY A 15 -11.78 -3.15 1.39
N ILE A 16 -10.80 -3.88 0.86
CA ILE A 16 -9.51 -4.01 1.55
C ILE A 16 -8.91 -2.64 1.80
N LEU A 17 -8.90 -1.80 0.77
CA LEU A 17 -8.29 -0.46 0.89
C LEU A 17 -8.98 0.34 1.98
N LYS A 18 -10.31 0.32 2.00
CA LYS A 18 -11.07 0.99 3.04
C LYS A 18 -10.67 0.46 4.41
N GLU A 19 -10.54 -0.86 4.55
CA GLU A 19 -10.11 -1.42 5.82
C GLU A 19 -8.71 -0.95 6.20
N LEU A 20 -7.78 -0.92 5.24
CA LEU A 20 -6.42 -0.50 5.56
C LEU A 20 -6.38 0.93 6.08
N LEU A 21 -7.32 1.76 5.64
CA LEU A 21 -7.40 3.16 6.03
C LEU A 21 -8.26 3.41 7.26
N SER A 22 -8.87 2.36 7.82
CA SER A 22 -9.87 2.49 8.87
C SER A 22 -9.22 2.62 10.25
N LYS A 23 -10.03 3.11 11.21
CA LYS A 23 -9.51 3.35 12.55
C LYS A 23 -8.98 2.08 13.19
N LYS A 24 -9.56 0.92 12.84
CA LYS A 24 -9.16 -0.35 13.42
C LYS A 24 -7.66 -0.59 13.29
N HIS A 25 -7.06 -0.17 12.18
CA HIS A 25 -5.64 -0.43 11.92
C HIS A 25 -4.78 0.82 12.02
N ALA A 26 -5.32 1.94 12.51
CA ALA A 26 -4.60 3.20 12.42
C ALA A 26 -3.30 3.21 13.22
N ALA A 27 -3.19 2.39 14.27
CA ALA A 27 -1.98 2.45 15.10
C ALA A 27 -0.73 2.01 14.33
N TYR A 28 -0.90 1.18 13.30
CA TYR A 28 0.23 0.74 12.48
C TYR A 28 0.09 1.10 11.00
N ALA A 29 -1.06 1.61 10.56
CA ALA A 29 -1.23 1.99 9.16
C ALA A 29 -0.80 3.41 8.85
N TRP A 30 -0.72 4.27 9.87
CA TRP A 30 -0.51 5.70 9.61
C TRP A 30 0.72 6.04 8.77
N PRO A 31 1.85 5.34 8.85
CA PRO A 31 3.00 5.72 7.99
C PRO A 31 2.70 5.58 6.52
N PHE A 32 1.66 4.84 6.15
CA PHE A 32 1.37 4.48 4.78
C PHE A 32 0.21 5.29 4.21
N TYR A 33 -0.30 6.25 4.98
CA TYR A 33 -1.46 7.02 4.54
C TYR A 33 -1.12 7.98 3.39
N LYS A 34 0.07 8.57 3.41
CA LYS A 34 0.42 9.63 2.47
C LYS A 34 1.83 9.36 1.93
N PRO A 35 2.19 9.97 0.80
CA PRO A 35 3.56 9.78 0.28
C PRO A 35 4.59 10.17 1.32
N VAL A 36 5.68 9.40 1.38
CA VAL A 36 6.81 9.76 2.22
C VAL A 36 7.29 11.14 1.84
N ASP A 37 7.32 12.06 2.81
CA ASP A 37 7.88 13.39 2.60
C ASP A 37 9.34 13.30 3.03
N ALA A 38 10.18 12.91 2.08
CA ALA A 38 11.56 12.56 2.42
C ALA A 38 12.31 13.75 3.00
N SER A 39 12.20 14.91 2.35
N SER A 39 12.20 14.92 2.37
N SER A 39 12.20 14.91 2.36
CA SER A 39 12.90 16.10 2.83
CA SER A 39 12.93 16.09 2.84
CA SER A 39 12.92 16.09 2.84
C SER A 39 12.45 16.49 4.23
C SER A 39 12.46 16.51 4.23
C SER A 39 12.46 16.49 4.24
N ALA A 40 11.14 16.47 4.48
CA ALA A 40 10.64 16.85 5.79
C ALA A 40 11.12 15.91 6.89
N LEU A 41 11.28 14.64 6.56
CA LEU A 41 11.71 13.62 7.52
C LEU A 41 13.23 13.49 7.60
N GLY A 42 13.96 14.26 6.80
CA GLY A 42 15.41 14.13 6.81
C GLY A 42 15.95 12.92 6.11
N LEU A 43 15.11 12.27 5.29
CA LEU A 43 15.51 11.05 4.58
C LEU A 43 16.02 11.43 3.18
N HIS A 44 17.18 12.08 3.17
CA HIS A 44 17.65 12.74 1.96
C HIS A 44 18.15 11.76 0.91
N ASP A 45 18.25 10.48 1.24
CA ASP A 45 18.59 9.44 0.28
C ASP A 45 17.38 8.65 -0.20
N TYR A 46 16.18 9.00 0.26
CA TYR A 46 15.01 8.15 0.01
C TYR A 46 14.77 7.96 -1.48
N HIS A 47 14.79 9.04 -2.25
CA HIS A 47 14.48 8.94 -3.67
C HIS A 47 15.64 8.42 -4.51
N ASP A 48 16.83 8.33 -3.94
CA ASP A 48 17.91 7.59 -4.61
C ASP A 48 17.73 6.09 -4.45
N ILE A 49 17.15 5.66 -3.34
CA ILE A 49 16.99 4.24 -3.04
C ILE A 49 15.66 3.71 -3.53
N ILE A 50 14.62 4.53 -3.39
CA ILE A 50 13.23 4.13 -3.77
C ILE A 50 12.91 4.84 -5.08
N LYS A 51 12.93 4.09 -6.17
CA LYS A 51 12.69 4.70 -7.50
C LYS A 51 11.20 4.77 -7.81
N HIS A 52 10.38 3.96 -7.12
CA HIS A 52 8.93 3.91 -7.40
C HIS A 52 8.15 4.10 -6.08
N PRO A 53 8.02 5.32 -5.52
CA PRO A 53 7.27 5.49 -4.27
C PRO A 53 5.81 5.09 -4.44
N MET A 54 5.21 4.62 -3.36
CA MET A 54 3.80 4.26 -3.36
C MET A 54 3.27 4.38 -1.94
N ASP A 55 1.99 4.75 -1.82
CA ASP A 55 1.35 4.91 -0.52
C ASP A 55 -0.15 4.75 -0.74
N LEU A 56 -0.90 4.63 0.37
CA LEU A 56 -2.31 4.32 0.27
C LEU A 56 -3.14 5.45 -0.35
N SER A 57 -2.74 6.71 -0.17
CA SER A 57 -3.51 7.78 -0.80
C SER A 57 -3.38 7.71 -2.32
N THR A 58 -2.23 7.27 -2.81
CA THR A 58 -2.05 7.11 -4.24
C THR A 58 -2.83 5.90 -4.76
N VAL A 59 -2.82 4.79 -4.01
CA VAL A 59 -3.67 3.66 -4.37
C VAL A 59 -5.12 4.08 -4.42
N LYS A 60 -5.56 4.88 -3.44
CA LYS A 60 -6.96 5.32 -3.40
C LYS A 60 -7.30 6.17 -4.62
N ARG A 61 -6.42 7.11 -4.97
CA ARG A 61 -6.65 7.94 -6.16
C ARG A 61 -6.74 7.08 -7.41
N LYS A 62 -5.85 6.10 -7.54
CA LYS A 62 -5.88 5.22 -8.70
C LYS A 62 -7.15 4.39 -8.73
N MET A 63 -7.64 3.91 -7.58
CA MET A 63 -8.90 3.20 -7.57
C MET A 63 -10.05 4.11 -7.99
N GLU A 64 -10.10 5.32 -7.42
CA GLU A 64 -11.19 6.24 -7.73
C GLU A 64 -11.21 6.62 -9.20
N ASN A 65 -10.05 6.71 -9.84
CA ASN A 65 -9.95 7.08 -11.24
C ASN A 65 -10.00 5.88 -12.18
N ARG A 66 -10.28 4.69 -11.65
CA ARG A 66 -10.36 3.47 -12.45
CA ARG A 66 -10.37 3.47 -12.45
C ARG A 66 -9.06 3.16 -13.17
N ASP A 67 -7.94 3.55 -12.57
CA ASP A 67 -6.63 3.26 -13.13
C ASP A 67 -6.35 1.76 -13.10
N TYR A 68 -6.65 1.10 -12.00
CA TYR A 68 -6.43 -0.34 -11.90
C TYR A 68 -7.47 -1.07 -12.74
N ARG A 69 -7.01 -1.91 -13.66
CA ARG A 69 -7.93 -2.67 -14.48
C ARG A 69 -8.28 -4.02 -13.88
N ASP A 70 -7.50 -4.50 -12.92
CA ASP A 70 -7.79 -5.78 -12.29
C ASP A 70 -7.16 -5.81 -10.91
N ALA A 71 -7.51 -6.85 -10.15
CA ALA A 71 -7.06 -6.97 -8.77
C ALA A 71 -5.54 -7.12 -8.69
N GLN A 72 -4.94 -7.83 -9.65
CA GLN A 72 -3.50 -8.04 -9.61
C GLN A 72 -2.74 -6.72 -9.69
N GLU A 73 -3.22 -5.79 -10.51
CA GLU A 73 -2.57 -4.49 -10.63
C GLU A 73 -2.64 -3.72 -9.31
N PHE A 74 -3.80 -3.76 -8.65
CA PHE A 74 -3.94 -3.15 -7.34
C PHE A 74 -2.99 -3.78 -6.33
N ALA A 75 -2.95 -5.11 -6.28
CA ALA A 75 -2.12 -5.79 -5.29
C ALA A 75 -0.65 -5.48 -5.52
N ALA A 76 -0.22 -5.38 -6.77
CA ALA A 76 1.18 -5.06 -7.03
C ALA A 76 1.57 -3.72 -6.45
N ASP A 77 0.68 -2.72 -6.52
CA ASP A 77 0.97 -1.40 -5.95
C ASP A 77 1.01 -1.45 -4.42
N VAL A 78 0.06 -2.15 -3.80
CA VAL A 78 0.10 -2.26 -2.34
C VAL A 78 1.38 -2.93 -1.90
N ARG A 79 1.77 -4.01 -2.59
CA ARG A 79 2.99 -4.72 -2.25
C ARG A 79 4.24 -3.88 -2.51
N LEU A 80 4.22 -3.06 -3.56
CA LEU A 80 5.33 -2.15 -3.82
C LEU A 80 5.53 -1.20 -2.66
N MET A 81 4.43 -0.65 -2.12
CA MET A 81 4.49 0.22 -0.96
C MET A 81 5.21 -0.46 0.20
N PHE A 82 4.83 -1.70 0.51
CA PHE A 82 5.49 -2.40 1.60
C PHE A 82 6.95 -2.70 1.28
N SER A 83 7.22 -3.16 0.05
N SER A 83 7.21 -3.15 0.04
CA SER A 83 8.59 -3.47 -0.34
CA SER A 83 8.57 -3.47 -0.36
C SER A 83 9.50 -2.25 -0.22
C SER A 83 9.49 -2.26 -0.23
N ASN A 84 8.99 -1.06 -0.58
CA ASN A 84 9.79 0.14 -0.43
C ASN A 84 10.21 0.34 1.01
N CYS A 85 9.28 0.07 1.94
CA CYS A 85 9.58 0.19 3.37
C CYS A 85 10.67 -0.80 3.76
N TYR A 86 10.54 -2.05 3.31
CA TYR A 86 11.53 -3.08 3.63
C TYR A 86 12.88 -2.78 2.99
N LYS A 87 12.89 -2.13 1.84
CA LYS A 87 14.15 -1.80 1.16
C LYS A 87 14.87 -0.66 1.85
N TYR A 88 14.13 0.40 2.20
CA TYR A 88 14.77 1.62 2.66
C TYR A 88 15.26 1.51 4.11
N ASN A 89 14.45 0.89 4.98
CA ASN A 89 14.70 0.96 6.41
C ASN A 89 15.42 -0.29 6.90
N PRO A 90 16.18 -0.19 7.99
CA PRO A 90 16.72 -1.40 8.61
C PRO A 90 15.58 -2.27 9.11
N PRO A 91 15.80 -3.59 9.17
CA PRO A 91 14.68 -4.51 9.45
C PRO A 91 14.13 -4.41 10.86
N ASP A 92 14.85 -3.79 11.79
CA ASP A 92 14.36 -3.60 13.14
C ASP A 92 13.70 -2.24 13.37
N HIS A 93 13.55 -1.43 12.33
CA HIS A 93 12.90 -0.14 12.47
C HIS A 93 11.42 -0.32 12.84
N ASP A 94 10.90 0.57 13.69
N ASP A 94 10.91 0.58 13.69
CA ASP A 94 9.49 0.42 14.06
CA ASP A 94 9.51 0.54 14.09
C ASP A 94 8.55 0.57 12.87
C ASP A 94 8.59 0.56 12.87
N VAL A 95 8.95 1.35 11.85
CA VAL A 95 8.07 1.46 10.69
C VAL A 95 7.98 0.14 9.94
N VAL A 96 9.06 -0.64 9.94
CA VAL A 96 9.04 -1.98 9.35
C VAL A 96 8.12 -2.90 10.14
N ALA A 97 8.15 -2.82 11.46
CA ALA A 97 7.21 -3.62 12.26
C ALA A 97 5.77 -3.26 11.92
N MET A 98 5.50 -1.97 11.73
CA MET A 98 4.16 -1.54 11.34
C MET A 98 3.79 -2.06 9.96
N ALA A 99 4.74 -1.96 9.01
CA ALA A 99 4.49 -2.48 7.66
C ALA A 99 4.14 -3.96 7.70
N ARG A 100 4.88 -4.75 8.48
CA ARG A 100 4.62 -6.19 8.50
C ARG A 100 3.22 -6.47 9.03
N LYS A 101 2.78 -5.73 10.03
CA LYS A 101 1.43 -5.93 10.56
C LYS A 101 0.38 -5.54 9.53
N LEU A 102 0.55 -4.38 8.89
CA LEU A 102 -0.43 -3.95 7.90
C LEU A 102 -0.43 -4.88 6.69
N GLN A 103 0.75 -5.37 6.30
CA GLN A 103 0.81 -6.29 5.18
C GLN A 103 0.11 -7.61 5.51
N ASP A 104 0.19 -8.05 6.76
CA ASP A 104 -0.56 -9.25 7.15
C ASP A 104 -2.05 -9.03 6.99
N VAL A 105 -2.56 -7.86 7.44
CA VAL A 105 -3.97 -7.54 7.21
C VAL A 105 -4.29 -7.65 5.72
N PHE A 106 -3.45 -7.02 4.90
CA PHE A 106 -3.69 -7.01 3.46
C PHE A 106 -3.66 -8.41 2.87
N GLU A 107 -2.59 -9.16 3.13
CA GLU A 107 -2.42 -10.44 2.44
C GLU A 107 -3.52 -11.44 2.82
N PHE A 108 -3.91 -11.47 4.09
CA PHE A 108 -4.92 -12.45 4.48
C PHE A 108 -6.27 -12.11 3.88
N ARG A 109 -6.60 -10.82 3.77
CA ARG A 109 -7.89 -10.49 3.15
C ARG A 109 -7.85 -10.58 1.63
N TYR A 110 -6.73 -10.19 1.02
CA TYR A 110 -6.60 -10.36 -0.43
C TYR A 110 -6.74 -11.83 -0.82
N ALA A 111 -6.24 -12.73 0.03
CA ALA A 111 -6.35 -14.17 -0.22
C ALA A 111 -7.80 -14.63 -0.24
N LYS A 112 -8.71 -13.91 0.44
CA LYS A 112 -10.13 -14.22 0.50
C LYS A 112 -10.91 -13.65 -0.69
N MET A 113 -10.21 -13.35 -1.77
CA MET A 113 -10.86 -12.82 -2.96
CA MET A 113 -10.86 -12.82 -2.96
C MET A 113 -12.02 -13.71 -3.38
N PRO A 114 -13.23 -13.15 -3.57
CA PRO A 114 -14.35 -13.95 -4.07
C PRO A 114 -14.13 -14.39 -5.52
C1 TEP B . 6.92 4.91 5.17
N1 TEP B . 7.87 5.56 6.08
C2 TEP B . 7.36 6.60 6.86
O2 TEP B . 6.21 6.97 6.77
N3 TEP B . 8.23 7.19 7.76
C3 TEP B . 7.72 8.24 8.64
C4 TEP B . 9.53 6.74 7.84
C5 TEP B . 9.99 5.72 7.06
C6 TEP B . 9.17 5.06 6.11
O6 TEP B . 9.50 4.12 5.38
N7 TEP B . 11.30 5.54 7.44
C8 TEP B . 11.55 6.44 8.40
N9 TEP B . 10.50 7.21 8.69
C1 TEP C . 0.56 7.22 16.94
N1 TEP C . 0.59 8.04 15.73
C2 TEP C . -0.58 8.10 15.00
O2 TEP C . -1.56 7.46 15.31
N3 TEP C . -0.59 8.93 13.88
C3 TEP C . -1.83 9.06 13.10
C4 TEP C . 0.56 9.61 13.54
C5 TEP C . 1.69 9.51 14.27
C6 TEP C . 1.80 8.70 15.44
O6 TEP C . 2.78 8.55 16.14
N7 TEP C . 2.61 10.31 13.64
C8 TEP C . 1.97 10.85 12.58
N9 TEP C . 0.71 10.44 12.47
#